data_4AZP
#
_entry.id   4AZP
#
_cell.length_a   79.710
_cell.length_b   79.710
_cell.length_c   83.150
_cell.angle_alpha   90.00
_cell.angle_beta   90.00
_cell.angle_gamma   120.00
#
_symmetry.space_group_name_H-M   'P 64 2 2'
#
loop_
_entity.id
_entity.type
_entity.pdbx_description
1 polymer 'FATTY ACID-BINDING PROTEIN, EPIDERMAL'
2 non-polymer N-(2-hydroxyethyl)icosanamide
3 non-polymer 'CHLORIDE ION'
4 water water
#
_entity_poly.entity_id   1
_entity_poly.type   'polypeptide(L)'
_entity_poly.pdbx_seq_one_letter_code
;GSHMASLKDLEGKWRLMESHGFEEYMKELGVGLALRKMAAMAKPDCIITCDGNNITVKTESTVKTTVFSCNLGEKFDETT
ADGRKTETVCTFQDGALVQHQQWDGKESTITRKLKDGKMIVECVMNNATCTRVYEKVQ
;
_entity_poly.pdbx_strand_id   A
#
# COMPACT_ATOMS: atom_id res chain seq x y z
N ALA A 5 -6.68 2.84 -17.44
CA ALA A 5 -5.55 2.67 -16.48
C ALA A 5 -4.99 1.23 -16.51
N SER A 6 -3.66 1.11 -16.47
CA SER A 6 -2.98 -0.18 -16.56
C SER A 6 -2.05 -0.46 -15.35
N LEU A 7 -1.57 -1.69 -15.26
CA LEU A 7 -0.67 -2.09 -14.18
C LEU A 7 0.71 -1.41 -14.30
N LYS A 8 1.21 -1.35 -15.54
CA LYS A 8 2.47 -0.72 -15.86
C LYS A 8 2.43 0.79 -15.57
N ASP A 9 1.25 1.40 -15.65
CA ASP A 9 1.05 2.80 -15.25
C ASP A 9 1.47 3.09 -13.79
N LEU A 10 1.49 2.05 -12.96
CA LEU A 10 1.84 2.24 -11.54
C LEU A 10 3.33 2.26 -11.30
N GLU A 11 4.09 1.82 -12.29
CA GLU A 11 5.52 1.62 -12.12
C GLU A 11 6.23 2.96 -11.99
N GLY A 12 7.20 3.01 -11.08
CA GLY A 12 7.95 4.23 -10.87
C GLY A 12 8.16 4.55 -9.42
N LYS A 13 8.76 5.72 -9.20
CA LYS A 13 9.08 6.25 -7.88
C LYS A 13 8.07 7.33 -7.52
N TRP A 14 7.40 7.14 -6.39
CA TRP A 14 6.24 7.95 -6.02
C TRP A 14 6.48 8.59 -4.66
N ARG A 15 6.07 9.85 -4.51
CA ARG A 15 6.19 10.53 -3.24
C ARG A 15 4.84 10.89 -2.66
N LEU A 16 4.66 10.66 -1.37
CA LEU A 16 3.42 10.96 -0.69
C LEU A 16 3.22 12.48 -0.71
N MET A 17 2.03 12.92 -1.13
CA MET A 17 1.76 14.36 -1.19
C MET A 17 0.61 14.77 -0.29
N GLU A 18 -0.32 13.85 -0.07
CA GLU A 18 -1.56 14.14 0.69
C GLU A 18 -1.99 12.86 1.39
N SER A 19 -2.50 12.99 2.61
CA SER A 19 -3.07 11.87 3.36
C SER A 19 -4.33 12.29 4.14
N HIS A 20 -5.34 11.43 4.13
CA HIS A 20 -6.56 11.61 4.91
C HIS A 20 -6.96 10.28 5.53
N GLY A 21 -7.26 10.31 6.82
CA GLY A 21 -7.78 9.15 7.53
C GLY A 21 -6.74 8.12 7.91
N PHE A 22 -5.47 8.46 7.79
CA PHE A 22 -4.39 7.47 7.98
C PHE A 22 -4.27 6.98 9.44
N GLU A 23 -4.27 7.93 10.37
CA GLU A 23 -4.23 7.66 11.81
C GLU A 23 -5.30 6.64 12.23
N GLU A 24 -6.55 6.92 11.84
CA GLU A 24 -7.70 6.08 12.15
C GLU A 24 -7.54 4.69 11.52
N TYR A 25 -7.10 4.65 10.26
CA TYR A 25 -6.81 3.38 9.58
C TYR A 25 -5.78 2.56 10.37
N MET A 26 -4.65 3.19 10.70
CA MET A 26 -3.64 2.52 11.52
C MET A 26 -4.17 2.03 12.89
N LYS A 27 -5.03 2.83 13.52
CA LYS A 27 -5.62 2.41 14.81
C LYS A 27 -6.47 1.17 14.62
N GLU A 28 -7.28 1.15 13.56
CA GLU A 28 -8.06 -0.03 13.22
C GLU A 28 -7.14 -1.23 12.99
N LEU A 29 -5.99 -1.01 12.38
CA LEU A 29 -4.99 -2.10 12.21
C LEU A 29 -4.38 -2.58 13.52
N GLY A 30 -4.50 -1.77 14.59
CA GLY A 30 -3.89 -2.08 15.87
C GLY A 30 -2.51 -1.46 16.09
N VAL A 31 -2.10 -0.53 15.24
CA VAL A 31 -0.83 0.17 15.42
C VAL A 31 -0.92 1.10 16.66
N GLY A 32 0.05 0.99 17.56
CA GLY A 32 0.12 1.85 18.76
C GLY A 32 0.42 3.33 18.48
N LEU A 33 0.18 4.20 19.45
CA LEU A 33 0.31 5.66 19.25
C LEU A 33 1.71 6.11 18.75
N ALA A 34 2.77 5.70 19.45
CA ALA A 34 4.14 6.08 19.08
C ALA A 34 4.43 5.78 17.62
N LEU A 35 4.10 4.57 17.21
CA LEU A 35 4.33 4.11 15.87
C LEU A 35 3.46 4.86 14.86
N ARG A 36 2.20 5.12 15.24
CA ARG A 36 1.26 5.91 14.43
C ARG A 36 1.81 7.28 14.09
N LYS A 37 2.35 7.98 15.10
CA LYS A 37 2.89 9.33 14.94
C LYS A 37 4.14 9.33 14.09
N MET A 38 4.93 8.27 14.21
CA MET A 38 6.13 8.10 13.41
C MET A 38 5.73 7.85 11.96
N ALA A 39 4.76 6.96 11.76
CA ALA A 39 4.27 6.69 10.44
C ALA A 39 3.73 7.95 9.77
N ALA A 40 2.91 8.72 10.50
CA ALA A 40 2.18 9.87 9.94
C ALA A 40 3.11 11.01 9.52
N MET A 41 4.23 11.10 10.22
CA MET A 41 5.18 12.21 10.11
C MET A 41 6.21 11.98 9.02
N ALA A 42 6.83 10.79 9.03
CA ALA A 42 7.79 10.36 8.01
C ALA A 42 7.01 9.95 6.78
N LYS A 43 7.03 10.81 5.76
CA LYS A 43 6.17 10.66 4.60
C LYS A 43 6.91 10.09 3.38
N PRO A 44 6.74 8.79 3.14
CA PRO A 44 7.60 8.00 2.25
C PRO A 44 7.70 8.30 0.77
N ASP A 45 8.54 7.47 0.17
CA ASP A 45 8.46 7.21 -1.22
C ASP A 45 8.02 5.75 -1.41
N CYS A 46 7.32 5.48 -2.50
CA CYS A 46 6.83 4.13 -2.78
C CYS A 46 7.32 3.82 -4.17
N ILE A 47 8.21 2.84 -4.28
CA ILE A 47 8.75 2.45 -5.59
C ILE A 47 8.06 1.17 -5.97
N ILE A 48 7.52 1.17 -7.18
CA ILE A 48 6.77 0.04 -7.69
C ILE A 48 7.43 -0.35 -8.99
N THR A 49 7.63 -1.65 -9.17
CA THR A 49 8.13 -2.17 -10.42
C THR A 49 7.17 -3.24 -10.89
N CYS A 50 6.90 -3.27 -12.19
CA CYS A 50 5.94 -4.21 -12.77
C CYS A 50 6.57 -4.93 -13.96
N ASP A 51 7.28 -6.01 -13.66
CA ASP A 51 7.84 -6.86 -14.68
C ASP A 51 6.84 -7.95 -15.02
N GLY A 52 6.02 -7.71 -16.05
CA GLY A 52 4.90 -8.58 -16.39
C GLY A 52 3.95 -8.72 -15.20
N ASN A 53 3.68 -9.98 -14.84
N ASN A 53 3.57 -9.91 -14.80
CA ASN A 53 2.87 -10.38 -13.68
CA ASN A 53 2.74 -9.95 -13.59
C ASN A 53 3.56 -10.20 -12.31
C ASN A 53 3.54 -10.19 -12.28
N ASN A 54 4.87 -9.97 -12.34
CA ASN A 54 5.70 -9.88 -11.13
C ASN A 54 5.77 -8.44 -10.61
N ILE A 55 5.17 -8.22 -9.46
CA ILE A 55 4.99 -6.87 -8.92
C ILE A 55 5.78 -6.71 -7.63
N THR A 56 6.60 -5.66 -7.57
CA THR A 56 7.38 -5.36 -6.37
C THR A 56 6.99 -3.98 -5.88
N VAL A 57 6.65 -3.90 -4.60
CA VAL A 57 6.28 -2.63 -3.97
C VAL A 57 7.26 -2.41 -2.83
N LYS A 58 8.07 -1.36 -2.96
CA LYS A 58 9.05 -1.01 -1.94
C LYS A 58 8.61 0.32 -1.32
N THR A 59 8.35 0.32 -0.02
CA THR A 59 8.02 1.56 0.65
C THR A 59 9.20 1.98 1.53
N GLU A 60 9.71 3.18 1.26
CA GLU A 60 10.97 3.63 1.86
C GLU A 60 10.78 4.85 2.74
N SER A 61 11.35 4.82 3.94
CA SER A 61 11.34 5.97 4.80
C SER A 61 12.65 6.01 5.60
N THR A 62 12.88 7.08 6.35
CA THR A 62 14.10 7.21 7.12
C THR A 62 14.07 6.31 8.36
N VAL A 63 12.89 5.82 8.67
CA VAL A 63 12.68 5.08 9.90
C VAL A 63 12.48 3.58 9.63
N LYS A 64 11.88 3.23 8.50
CA LYS A 64 11.59 1.85 8.13
C LYS A 64 11.45 1.72 6.59
N THR A 65 11.98 0.64 6.03
CA THR A 65 11.75 0.31 4.59
C THR A 65 11.18 -1.11 4.47
N THR A 66 10.07 -1.27 3.78
CA THR A 66 9.48 -2.61 3.55
C THR A 66 9.39 -2.86 2.04
N VAL A 67 9.52 -4.12 1.65
CA VAL A 67 9.35 -4.53 0.25
C VAL A 67 8.64 -5.87 0.19
N PHE A 68 7.67 -5.99 -0.72
CA PHE A 68 7.19 -7.32 -1.08
C PHE A 68 7.32 -7.48 -2.58
N SER A 69 7.54 -8.71 -3.03
CA SER A 69 7.55 -9.01 -4.43
C SER A 69 6.63 -10.22 -4.68
N CYS A 70 5.65 -10.09 -5.56
CA CYS A 70 4.65 -11.14 -5.70
C CYS A 70 4.37 -11.42 -7.16
N ASN A 71 3.68 -12.53 -7.43
CA ASN A 71 3.05 -12.70 -8.74
C ASN A 71 1.56 -12.41 -8.61
N LEU A 72 1.02 -11.64 -9.55
CA LEU A 72 -0.41 -11.34 -9.57
C LEU A 72 -1.21 -12.62 -9.40
N GLY A 73 -2.15 -12.59 -8.44
CA GLY A 73 -3.11 -13.67 -8.26
C GLY A 73 -2.59 -14.85 -7.48
N GLU A 74 -1.32 -14.80 -7.06
CA GLU A 74 -0.76 -15.89 -6.27
C GLU A 74 -0.65 -15.43 -4.83
N LYS A 75 -1.22 -16.21 -3.92
CA LYS A 75 -1.19 -15.84 -2.52
C LYS A 75 0.24 -15.96 -2.01
N PHE A 76 0.63 -15.03 -1.14
CA PHE A 76 1.97 -14.98 -0.57
C PHE A 76 1.90 -14.50 0.87
N ASP A 77 2.96 -14.80 1.64
CA ASP A 77 3.04 -14.40 3.04
C ASP A 77 3.72 -13.03 3.10
N GLU A 78 3.08 -12.08 3.76
CA GLU A 78 3.64 -10.73 3.84
C GLU A 78 3.88 -10.39 5.31
N THR A 79 5.01 -9.75 5.61
CA THR A 79 5.23 -9.12 6.90
C THR A 79 5.08 -7.62 6.67
N THR A 80 4.07 -7.01 7.28
CA THR A 80 3.74 -5.60 6.96
C THR A 80 4.65 -4.65 7.72
N ALA A 81 4.64 -3.37 7.36
CA ALA A 81 5.52 -2.41 8.05
C ALA A 81 5.28 -2.33 9.59
N ASP A 82 4.04 -2.55 10.00
CA ASP A 82 3.71 -2.56 11.42
C ASP A 82 3.92 -3.92 12.07
N GLY A 83 4.31 -4.93 11.29
CA GLY A 83 4.69 -6.19 11.91
C GLY A 83 3.65 -7.29 11.84
N ARG A 84 2.50 -7.04 11.20
CA ARG A 84 1.51 -8.08 10.95
C ARG A 84 2.05 -9.16 10.01
N LYS A 85 1.71 -10.41 10.27
CA LYS A 85 2.08 -11.48 9.35
C LYS A 85 0.83 -11.90 8.63
N THR A 86 0.68 -11.47 7.38
CA THR A 86 -0.57 -11.70 6.66
C THR A 86 -0.41 -12.69 5.51
N GLU A 87 -1.54 -13.22 5.02
CA GLU A 87 -1.57 -13.89 3.72
C GLU A 87 -2.21 -12.91 2.76
N THR A 88 -1.51 -12.63 1.67
CA THR A 88 -1.88 -11.53 0.78
C THR A 88 -2.03 -12.01 -0.66
N VAL A 89 -3.00 -11.44 -1.39
CA VAL A 89 -3.14 -11.66 -2.83
C VAL A 89 -3.29 -10.29 -3.49
N CYS A 90 -2.47 -10.05 -4.52
CA CYS A 90 -2.65 -8.91 -5.37
C CYS A 90 -3.39 -9.31 -6.63
N THR A 91 -4.38 -8.49 -7.00
CA THR A 91 -5.12 -8.68 -8.24
C THR A 91 -5.16 -7.36 -8.99
N PHE A 92 -5.48 -7.43 -10.27
CA PHE A 92 -5.70 -6.25 -11.06
C PHE A 92 -7.13 -6.20 -11.57
N GLN A 93 -7.85 -5.16 -11.12
CA GLN A 93 -9.29 -5.06 -11.32
C GLN A 93 -9.68 -3.62 -11.64
N ASP A 94 -10.28 -3.42 -12.81
CA ASP A 94 -10.81 -2.11 -13.19
C ASP A 94 -9.78 -1.00 -13.04
N GLY A 95 -8.59 -1.21 -13.59
CA GLY A 95 -7.53 -0.21 -13.54
C GLY A 95 -6.75 -0.10 -12.24
N ALA A 96 -7.09 -0.93 -11.25
CA ALA A 96 -6.44 -0.86 -9.93
C ALA A 96 -5.69 -2.12 -9.53
N LEU A 97 -4.51 -1.93 -8.95
CA LEU A 97 -3.81 -2.98 -8.26
C LEU A 97 -4.50 -3.13 -6.90
N VAL A 98 -4.99 -4.33 -6.61
CA VAL A 98 -5.77 -4.54 -5.37
C VAL A 98 -4.96 -5.51 -4.54
N GLN A 99 -4.56 -5.08 -3.34
CA GLN A 99 -3.78 -5.90 -2.40
C GLN A 99 -4.68 -6.27 -1.20
N HIS A 100 -5.06 -7.54 -1.13
CA HIS A 100 -5.94 -8.02 -0.10
C HIS A 100 -5.14 -8.80 0.97
N GLN A 101 -5.20 -8.34 2.21
CA GLN A 101 -4.47 -8.96 3.33
C GLN A 101 -5.43 -9.60 4.31
N GLN A 102 -5.08 -10.80 4.78
CA GLN A 102 -5.83 -11.53 5.83
C GLN A 102 -4.88 -11.99 6.92
N TRP A 103 -5.27 -11.79 8.17
CA TRP A 103 -4.50 -12.23 9.34
C TRP A 103 -5.42 -12.30 10.58
N ASP A 104 -5.31 -13.36 11.38
CA ASP A 104 -6.07 -13.41 12.63
C ASP A 104 -7.57 -13.31 12.38
N GLY A 105 -8.04 -13.84 11.25
CA GLY A 105 -9.45 -13.69 10.88
C GLY A 105 -9.91 -12.28 10.53
N LYS A 106 -8.96 -11.34 10.45
CA LYS A 106 -9.22 -9.97 10.03
C LYS A 106 -8.79 -9.78 8.57
N GLU A 107 -9.23 -8.70 7.95
CA GLU A 107 -8.86 -8.40 6.58
C GLU A 107 -8.77 -6.90 6.30
N SER A 108 -7.91 -6.55 5.35
CA SER A 108 -7.79 -5.19 4.87
C SER A 108 -7.50 -5.22 3.39
N THR A 109 -7.92 -4.18 2.69
CA THR A 109 -7.57 -4.06 1.29
C THR A 109 -6.92 -2.70 1.02
N ILE A 110 -5.87 -2.74 0.20
CA ILE A 110 -5.21 -1.55 -0.28
C ILE A 110 -5.30 -1.56 -1.80
N THR A 111 -5.88 -0.50 -2.33
CA THR A 111 -6.06 -0.36 -3.76
C THR A 111 -5.13 0.77 -4.24
N ARG A 112 -4.46 0.56 -5.38
CA ARG A 112 -3.60 1.59 -5.96
C ARG A 112 -4.03 1.82 -7.38
N LYS A 113 -4.33 3.07 -7.72
CA LYS A 113 -4.83 3.36 -9.03
C LYS A 113 -4.27 4.68 -9.51
N LEU A 114 -4.00 4.75 -10.80
CA LEU A 114 -3.57 5.99 -11.40
C LEU A 114 -4.80 6.84 -11.76
N LYS A 115 -4.90 8.04 -11.16
CA LYS A 115 -5.96 8.99 -11.49
C LYS A 115 -5.36 10.37 -11.80
N ASP A 116 -5.63 10.87 -13.02
CA ASP A 116 -5.17 12.18 -13.43
C ASP A 116 -3.65 12.34 -13.12
N GLY A 117 -2.87 11.33 -13.51
CA GLY A 117 -1.42 11.33 -13.36
C GLY A 117 -0.89 11.07 -11.95
N LYS A 118 -1.78 10.98 -10.96
CA LYS A 118 -1.38 10.69 -9.56
C LYS A 118 -1.75 9.26 -9.15
N MET A 119 -0.97 8.68 -8.25
CA MET A 119 -1.34 7.38 -7.68
C MET A 119 -2.18 7.59 -6.42
N ILE A 120 -3.40 7.08 -6.47
CA ILE A 120 -4.32 7.16 -5.37
C ILE A 120 -4.29 5.82 -4.67
N VAL A 121 -4.02 5.86 -3.38
CA VAL A 121 -3.90 4.66 -2.57
C VAL A 121 -5.01 4.71 -1.55
N GLU A 122 -6.00 3.81 -1.72
CA GLU A 122 -7.11 3.71 -0.78
CA GLU A 122 -7.12 3.71 -0.79
C GLU A 122 -6.93 2.50 0.12
N CYS A 123 -6.93 2.72 1.43
CA CYS A 123 -6.80 1.62 2.40
C CYS A 123 -8.10 1.46 3.19
N VAL A 124 -8.64 0.24 3.21
CA VAL A 124 -9.88 -0.03 3.94
C VAL A 124 -9.64 -1.14 4.95
N MET A 125 -10.09 -0.91 6.18
CA MET A 125 -10.26 -1.98 7.12
C MET A 125 -11.52 -1.67 7.90
N ASN A 126 -12.48 -2.59 7.87
CA ASN A 126 -13.79 -2.38 8.51
C ASN A 126 -14.42 -1.06 8.06
N ASN A 127 -14.84 -0.21 9.00
CA ASN A 127 -15.41 1.11 8.70
C ASN A 127 -14.38 2.24 8.53
N ALA A 128 -13.09 1.88 8.52
CA ALA A 128 -12.02 2.87 8.47
C ALA A 128 -11.41 2.91 7.08
N THR A 129 -11.57 4.05 6.40
CA THR A 129 -10.96 4.28 5.11
C THR A 129 -9.90 5.37 5.17
N CYS A 130 -8.81 5.14 4.45
CA CYS A 130 -7.72 6.08 4.32
C CYS A 130 -7.49 6.33 2.82
N THR A 131 -7.30 7.58 2.44
CA THR A 131 -6.91 7.89 1.08
C THR A 131 -5.53 8.58 1.11
N ARG A 132 -4.60 8.07 0.31
CA ARG A 132 -3.26 8.67 0.22
C ARG A 132 -2.91 8.99 -1.22
N VAL A 133 -2.43 10.21 -1.47
CA VAL A 133 -2.13 10.63 -2.85
C VAL A 133 -0.63 10.74 -3.07
N TYR A 134 -0.13 9.99 -4.05
CA TYR A 134 1.28 10.05 -4.42
C TYR A 134 1.47 10.70 -5.78
N GLU A 135 2.58 11.42 -5.92
CA GLU A 135 3.00 11.99 -7.18
C GLU A 135 4.37 11.46 -7.60
N LYS A 136 4.56 11.41 -8.91
CA LYS A 136 5.74 10.81 -9.52
C LYS A 136 6.96 11.72 -9.31
N VAL A 137 8.03 11.17 -8.77
CA VAL A 137 9.28 11.92 -8.59
C VAL A 137 9.90 12.21 -9.95
N GLN A 138 10.33 13.44 -10.21
CA GLN A 138 11.03 13.71 -11.49
C GLN A 138 12.41 13.05 -11.47
#